data_3LNV
#
_entry.id   3LNV
#
_cell.length_a   70.193
_cell.length_b   78.243
_cell.length_c   108.395
_cell.angle_alpha   90.00
_cell.angle_beta   90.00
_cell.angle_gamma   90.00
#
_symmetry.space_group_name_H-M   'P 21 21 21'
#
loop_
_entity.id
_entity.type
_entity.pdbx_description
1 polymer 'Saframycin Mx1 synthetase B'
2 non-polymer "5'-O-[(S)-(dodecanoyloxy)(hydroxy)phosphoryl]adenosine"
3 non-polymer 'PYROPHOSPHATE 2-'
4 water water
#
_entity_poly.entity_id   1
_entity_poly.type   'polypeptide(L)'
_entity_poly.pdbx_seq_one_letter_code
;(MSE)SLKKEYLQCQSLVDVVRLRALHSPNKKSCTFLNKELEET(MSE)TYEQLDQHAKAIAATLQAEGAKPGDRVLLLF
APGLPLIQAFLGCLYAGCIAVPIYPPAQEKLLDKAQRIVTNSKPVIVL(MSE)IADHIKKFTADELNTNPKFLKIPAIAL
ESIELNRSSSWQPTSIKSNDIAFLQYTSGST(MSE)HPKGV(MSE)VSHHNLLDNLNKIFTSFH(MSE)NDETIIFSWLP
PHHD(MSE)GLIGCILTPIYGGIQAI(MSE)(MSE)SPFSFLQNPLSWLKHITKYKATISGSPNFAYDYCVKRIREEKKE
GLDLSSWVTAFNGAEPVREET(MSE)EHFYQAFKEFGFRKEAFYPCYGLAEATLLVTGGTPGSSYKTLTLAKEQFQDHRV
HFADDNSPGSYKLVSSGNPIQEVKIIDPDTLIPCDFDQVGEIWVQSNSVAKGYWNQPEETRHAFAGKIKDDERSAIYLRT
GDLGFLHENELYVTGRIKDLIIIYGKNHYPQDIEFSL(MSE)HSPLHHVLGKCAAFVIQEEHEYKLTV(MSE)CEVKNRF
(MSE)DDVAQDNLFNEIFELVYENHQLEVHTIVLIPLKA(MSE)PHTTSGKIRRNFCRKHLLDKTLPIVATWQLNKIEEG
HHHHHH
;
_entity_poly.pdbx_strand_id   A
#
loop_
_chem_comp.id
_chem_comp.type
_chem_comp.name
_chem_comp.formula
1ZZ non-polymer 5'-O-[(S)-(dodecanoyloxy)(hydroxy)phosphoryl]adenosine 'C22 H36 N5 O8 P'
POP non-polymer 'PYROPHOSPHATE 2-' 'H2 O7 P2 -2'
#
# COMPACT_ATOMS: atom_id res chain seq x y z
N SER A 2 -17.53 -18.89 5.15
CA SER A 2 -16.36 -19.62 4.69
C SER A 2 -16.53 -20.06 3.25
N LEU A 3 -15.42 -20.17 2.52
CA LEU A 3 -15.52 -20.52 1.13
C LEU A 3 -16.04 -21.94 0.97
N LYS A 4 -16.88 -22.14 -0.03
CA LYS A 4 -17.37 -23.47 -0.35
C LYS A 4 -16.25 -24.35 -0.88
N LYS A 5 -16.36 -25.66 -0.67
CA LYS A 5 -15.34 -26.59 -1.13
C LYS A 5 -15.01 -26.44 -2.61
N GLU A 6 -16.03 -26.20 -3.42
CA GLU A 6 -15.78 -26.16 -4.85
C GLU A 6 -14.86 -24.99 -5.23
N TYR A 7 -14.83 -23.95 -4.39
CA TYR A 7 -13.92 -22.83 -4.65
C TYR A 7 -12.53 -23.10 -4.05
N LEU A 8 -12.49 -23.77 -2.90
CA LEU A 8 -11.23 -24.16 -2.30
C LEU A 8 -10.46 -25.09 -3.23
N GLN A 9 -11.19 -25.85 -4.04
CA GLN A 9 -10.56 -26.84 -4.88
C GLN A 9 -9.96 -26.25 -6.15
N CYS A 10 -10.32 -25.01 -6.48
CA CYS A 10 -9.77 -24.38 -7.69
C CYS A 10 -8.27 -24.15 -7.53
N GLN A 11 -7.54 -24.32 -8.63
CA GLN A 11 -6.10 -24.23 -8.60
C GLN A 11 -5.60 -22.85 -9.02
N SER A 12 -6.49 -21.98 -9.47
CA SER A 12 -6.09 -20.61 -9.75
C SER A 12 -7.24 -19.65 -9.54
N LEU A 13 -6.92 -18.38 -9.35
CA LEU A 13 -7.96 -17.36 -9.23
C LEU A 13 -8.82 -17.37 -10.51
N VAL A 14 -8.22 -17.69 -11.64
CA VAL A 14 -8.98 -17.78 -12.90
C VAL A 14 -10.14 -18.77 -12.79
N ASP A 15 -9.84 -19.98 -12.33
CA ASP A 15 -10.87 -20.97 -12.17
C ASP A 15 -11.94 -20.59 -11.12
N VAL A 16 -11.52 -19.92 -10.05
CA VAL A 16 -12.45 -19.39 -9.06
C VAL A 16 -13.43 -18.42 -9.73
N VAL A 17 -12.92 -17.48 -10.51
CA VAL A 17 -13.79 -16.49 -11.14
C VAL A 17 -14.70 -17.14 -12.18
N ARG A 18 -14.17 -18.11 -12.92
CA ARG A 18 -15.02 -18.81 -13.89
C ARG A 18 -16.17 -19.51 -13.21
N LEU A 19 -15.87 -20.12 -12.07
CA LEU A 19 -16.88 -20.86 -11.35
C LEU A 19 -17.94 -19.95 -10.73
N ARG A 20 -17.55 -18.81 -10.15
CA ARG A 20 -18.53 -17.85 -9.63
C ARG A 20 -19.37 -17.24 -10.75
N ALA A 21 -18.76 -17.04 -11.90
CA ALA A 21 -19.51 -16.52 -13.03
C ALA A 21 -20.56 -17.53 -13.52
N LEU A 22 -20.31 -18.81 -13.28
CA LEU A 22 -21.22 -19.87 -13.71
C LEU A 22 -22.34 -20.03 -12.70
N HIS A 23 -21.96 -20.02 -11.43
CA HIS A 23 -22.90 -20.35 -10.37
C HIS A 23 -23.65 -19.15 -9.84
N SER A 24 -23.04 -17.96 -9.94
CA SER A 24 -23.70 -16.77 -9.42
C SER A 24 -23.43 -15.61 -10.36
N PRO A 25 -23.81 -15.78 -11.64
CA PRO A 25 -23.48 -14.78 -12.66
C PRO A 25 -23.97 -13.36 -12.31
N ASN A 26 -25.11 -13.24 -11.64
CA ASN A 26 -25.66 -11.91 -11.41
C ASN A 26 -25.31 -11.33 -10.05
N LYS A 27 -24.46 -12.04 -9.29
CA LYS A 27 -24.00 -11.50 -8.01
C LYS A 27 -23.09 -10.28 -8.26
N LYS A 28 -23.39 -9.17 -7.61
CA LYS A 28 -22.55 -7.97 -7.69
C LYS A 28 -21.21 -8.22 -7.01
N SER A 29 -20.13 -7.84 -7.67
CA SER A 29 -18.81 -8.15 -7.16
C SER A 29 -18.12 -6.88 -6.73
N CYS A 30 -17.94 -5.95 -7.68
CA CYS A 30 -17.25 -4.70 -7.38
C CYS A 30 -18.07 -3.47 -7.74
N THR A 31 -17.92 -2.43 -6.94
CA THR A 31 -18.57 -1.16 -7.20
C THR A 31 -17.50 -0.08 -7.11
N PHE A 32 -17.41 0.76 -8.13
CA PHE A 32 -16.45 1.85 -8.06
C PHE A 32 -17.23 3.16 -7.99
N LEU A 33 -16.76 4.05 -7.13
CA LEU A 33 -17.43 5.31 -6.89
C LEU A 33 -16.65 6.45 -7.49
N ASN A 34 -17.34 7.28 -8.25
CA ASN A 34 -16.81 8.51 -8.77
C ASN A 34 -17.74 9.64 -8.35
N LYS A 35 -17.30 10.45 -7.39
CA LYS A 35 -18.16 11.47 -6.79
C LYS A 35 -19.50 10.89 -6.33
N GLU A 36 -20.59 11.26 -7.00
CA GLU A 36 -21.91 10.76 -6.59
C GLU A 36 -22.37 9.59 -7.45
N LEU A 37 -21.53 9.22 -8.41
CA LEU A 37 -21.88 8.17 -9.36
C LEU A 37 -21.38 6.80 -8.92
N GLU A 38 -22.14 5.78 -9.32
CA GLU A 38 -21.89 4.42 -8.87
C GLU A 38 -21.79 3.56 -10.12
N GLU A 39 -20.71 2.78 -10.25
CA GLU A 39 -20.64 1.76 -11.30
C GLU A 39 -20.39 0.37 -10.75
N THR A 40 -21.12 -0.61 -11.25
CA THR A 40 -21.12 -1.95 -10.66
C THR A 40 -20.75 -3.02 -11.67
N MSE A 41 -20.25 -4.14 -11.15
CA MSE A 41 -19.82 -5.23 -12.00
C MSE A 41 -20.15 -6.54 -11.32
O MSE A 41 -19.84 -6.74 -10.15
CB MSE A 41 -18.30 -5.11 -12.27
CG MSE A 41 -17.69 -6.36 -12.80
SE MSE A 41 -15.73 -6.07 -12.98
CE MSE A 41 -15.88 -4.45 -14.07
N THR A 42 -20.81 -7.43 -12.05
CA THR A 42 -21.23 -8.73 -11.53
C THR A 42 -20.15 -9.71 -11.94
N TYR A 43 -20.17 -10.90 -11.34
CA TYR A 43 -19.25 -11.94 -11.78
C TYR A 43 -19.34 -12.24 -13.27
N GLU A 44 -20.57 -12.28 -13.81
CA GLU A 44 -20.75 -12.58 -15.22
C GLU A 44 -20.03 -11.53 -16.04
N GLN A 45 -20.14 -10.27 -15.62
CA GLN A 45 -19.47 -9.19 -16.37
C GLN A 45 -17.95 -9.24 -16.26
N LEU A 46 -17.43 -9.48 -15.05
CA LEU A 46 -15.99 -9.59 -14.88
C LEU A 46 -15.41 -10.70 -15.76
N ASP A 47 -16.03 -11.86 -15.68
CA ASP A 47 -15.63 -13.00 -16.50
C ASP A 47 -15.68 -12.71 -18.00
N GLN A 48 -16.76 -12.09 -18.48
CA GLN A 48 -16.86 -11.80 -19.92
C GLN A 48 -15.81 -10.81 -20.40
N HIS A 49 -15.69 -9.68 -19.71
CA HIS A 49 -14.61 -8.76 -20.00
C HIS A 49 -13.19 -9.40 -19.97
N ALA A 50 -12.92 -10.24 -18.97
CA ALA A 50 -11.64 -10.97 -18.85
C ALA A 50 -11.35 -11.80 -20.10
N LYS A 51 -12.36 -12.52 -20.56
CA LYS A 51 -12.22 -13.37 -21.73
C LYS A 51 -11.97 -12.52 -22.97
N ALA A 52 -12.74 -11.44 -23.11
CA ALA A 52 -12.57 -10.56 -24.24
C ALA A 52 -11.18 -9.95 -24.22
N ILE A 53 -10.70 -9.64 -23.02
CA ILE A 53 -9.39 -9.03 -22.92
C ILE A 53 -8.32 -10.07 -23.21
N ALA A 54 -8.50 -11.27 -22.69
CA ALA A 54 -7.53 -12.34 -22.96
C ALA A 54 -7.49 -12.65 -24.46
N ALA A 55 -8.65 -12.61 -25.09
CA ALA A 55 -8.78 -12.99 -26.48
C ALA A 55 -7.98 -12.00 -27.30
N THR A 56 -8.03 -10.73 -26.91
CA THR A 56 -7.31 -9.66 -27.60
C THR A 56 -5.81 -9.84 -27.44
N LEU A 57 -5.36 -10.10 -26.22
CA LEU A 57 -3.94 -10.34 -25.97
C LEU A 57 -3.48 -11.51 -26.81
N GLN A 58 -4.28 -12.57 -26.84
CA GLN A 58 -3.95 -13.69 -27.71
C GLN A 58 -3.88 -13.27 -29.20
N ALA A 59 -4.87 -12.55 -29.69
CA ALA A 59 -4.87 -12.10 -31.09
C ALA A 59 -3.67 -11.20 -31.39
N GLU A 60 -3.23 -10.44 -30.40
CA GLU A 60 -2.07 -9.57 -30.60
C GLU A 60 -0.74 -10.30 -30.43
N GLY A 61 -0.75 -11.60 -30.22
CA GLY A 61 0.48 -12.38 -30.16
C GLY A 61 1.10 -12.58 -28.78
N ALA A 62 0.37 -12.25 -27.72
CA ALA A 62 0.89 -12.50 -26.37
C ALA A 62 0.71 -13.99 -26.04
N LYS A 63 1.75 -14.55 -25.44
CA LYS A 63 1.83 -15.98 -25.10
C LYS A 63 1.92 -16.11 -23.57
N PRO A 64 1.52 -17.26 -23.03
CA PRO A 64 1.65 -17.46 -21.57
C PRO A 64 3.09 -17.18 -21.08
N GLY A 65 3.22 -16.45 -19.98
CA GLY A 65 4.54 -16.10 -19.48
C GLY A 65 4.98 -14.69 -19.84
N ASP A 66 4.42 -14.17 -20.92
CA ASP A 66 4.71 -12.80 -21.35
C ASP A 66 4.20 -11.84 -20.28
N ARG A 67 4.92 -10.74 -20.07
CA ARG A 67 4.44 -9.70 -19.16
C ARG A 67 3.53 -8.74 -19.92
N VAL A 68 2.45 -8.30 -19.27
CA VAL A 68 1.62 -7.25 -19.85
C VAL A 68 1.51 -6.10 -18.86
N LEU A 69 1.90 -4.90 -19.28
CA LEU A 69 1.88 -3.74 -18.38
C LEU A 69 0.46 -3.15 -18.28
N LEU A 70 0.06 -2.76 -17.06
CA LEU A 70 -1.25 -2.16 -16.87
C LEU A 70 -1.04 -0.81 -16.21
N LEU A 71 -1.41 0.26 -16.90
CA LEU A 71 -1.41 1.57 -16.25
C LEU A 71 -2.61 1.65 -15.30
N PHE A 72 -2.38 1.39 -14.00
CA PHE A 72 -3.51 1.10 -13.11
C PHE A 72 -4.29 2.33 -12.61
N ALA A 73 -4.99 3.00 -13.53
CA ALA A 73 -6.00 3.98 -13.17
C ALA A 73 -7.05 3.28 -12.30
N PRO A 74 -7.33 3.81 -11.09
CA PRO A 74 -8.28 3.09 -10.23
C PRO A 74 -9.65 3.02 -10.88
N GLY A 75 -10.24 1.83 -10.89
CA GLY A 75 -11.53 1.66 -11.49
C GLY A 75 -11.78 0.22 -11.87
N LEU A 76 -12.96 -0.05 -12.42
CA LEU A 76 -13.33 -1.38 -12.81
C LEU A 76 -12.58 -1.86 -14.06
N PRO A 77 -12.30 -0.93 -14.99
CA PRO A 77 -11.61 -1.38 -16.21
C PRO A 77 -10.26 -2.02 -15.92
N LEU A 78 -9.48 -1.41 -15.04
CA LEU A 78 -8.18 -1.99 -14.73
C LEU A 78 -8.32 -3.31 -13.96
N ILE A 79 -9.39 -3.51 -13.21
CA ILE A 79 -9.62 -4.81 -12.55
C ILE A 79 -9.93 -5.89 -13.59
N GLN A 80 -10.78 -5.54 -14.53
CA GLN A 80 -11.05 -6.38 -15.70
C GLN A 80 -9.76 -6.74 -16.45
N ALA A 81 -8.88 -5.74 -16.63
CA ALA A 81 -7.62 -5.94 -17.32
C ALA A 81 -6.71 -6.90 -16.57
N PHE A 82 -6.67 -6.76 -15.25
CA PHE A 82 -5.84 -7.65 -14.45
C PHE A 82 -6.29 -9.11 -14.63
N LEU A 83 -7.58 -9.39 -14.47
CA LEU A 83 -8.07 -10.75 -14.70
C LEU A 83 -7.87 -11.19 -16.15
N GLY A 84 -8.02 -10.28 -17.09
CA GLY A 84 -7.86 -10.61 -18.50
C GLY A 84 -6.48 -11.17 -18.78
N CYS A 85 -5.45 -10.52 -18.22
CA CYS A 85 -4.07 -11.03 -18.28
C CYS A 85 -3.96 -12.44 -17.72
N LEU A 86 -4.48 -12.65 -16.53
CA LEU A 86 -4.47 -13.97 -15.93
C LEU A 86 -5.17 -14.98 -16.83
N TYR A 87 -6.28 -14.57 -17.45
CA TYR A 87 -7.05 -15.49 -18.29
C TYR A 87 -6.23 -15.90 -19.52
N ALA A 88 -5.24 -15.08 -19.89
CA ALA A 88 -4.42 -15.38 -21.07
C ALA A 88 -3.14 -16.07 -20.67
N GLY A 89 -2.96 -16.31 -19.38
CA GLY A 89 -1.69 -16.84 -18.91
C GLY A 89 -0.53 -15.84 -18.94
N CYS A 90 -0.84 -14.57 -19.12
CA CYS A 90 0.22 -13.56 -19.11
C CYS A 90 0.43 -13.04 -17.69
N ILE A 91 1.62 -12.53 -17.43
CA ILE A 91 1.96 -12.03 -16.12
C ILE A 91 1.59 -10.56 -16.09
N ALA A 92 0.58 -10.21 -15.30
CA ALA A 92 0.17 -8.83 -15.20
C ALA A 92 1.23 -7.98 -14.50
N VAL A 93 1.43 -6.75 -14.95
CA VAL A 93 2.35 -5.84 -14.29
C VAL A 93 1.66 -4.49 -14.04
N PRO A 94 0.98 -4.37 -12.90
CA PRO A 94 0.20 -3.17 -12.57
C PRO A 94 1.13 -2.04 -12.17
N ILE A 95 0.98 -0.87 -12.77
CA ILE A 95 1.72 0.28 -12.25
C ILE A 95 0.85 1.52 -12.08
N TYR A 96 1.19 2.33 -11.08
CA TYR A 96 0.59 3.64 -10.88
C TYR A 96 0.74 4.44 -12.16
N PRO A 97 -0.35 4.96 -12.72
CA PRO A 97 -0.08 5.79 -13.90
C PRO A 97 0.72 7.04 -13.52
N PRO A 98 1.78 7.38 -14.27
CA PRO A 98 2.61 8.52 -13.86
C PRO A 98 1.84 9.82 -13.66
N ALA A 99 2.03 10.43 -12.51
CA ALA A 99 1.34 11.66 -12.11
C ALA A 99 1.50 12.78 -13.14
N GLN A 100 2.73 12.97 -13.61
CA GLN A 100 2.98 14.03 -14.58
C GLN A 100 3.44 13.43 -15.91
N GLU A 101 2.86 13.90 -17.00
CA GLU A 101 3.19 13.40 -18.33
C GLU A 101 4.66 13.08 -18.57
N LYS A 102 5.55 13.97 -18.18
CA LYS A 102 6.95 13.81 -18.55
C LYS A 102 7.85 13.22 -17.45
N LEU A 103 7.27 12.89 -16.30
CA LEU A 103 8.03 12.26 -15.24
C LEU A 103 7.81 10.74 -15.27
N LEU A 104 8.54 10.08 -16.18
CA LEU A 104 8.31 8.67 -16.53
C LEU A 104 9.41 7.71 -16.06
N ASP A 105 10.43 8.22 -15.38
CA ASP A 105 11.61 7.42 -15.03
C ASP A 105 11.31 6.10 -14.32
N LYS A 106 10.39 6.14 -13.35
CA LYS A 106 10.01 4.95 -12.59
C LYS A 106 9.34 3.93 -13.53
N ALA A 107 8.36 4.38 -14.32
CA ALA A 107 7.73 3.50 -15.30
C ALA A 107 8.75 2.89 -16.28
N GLN A 108 9.65 3.73 -16.80
CA GLN A 108 10.72 3.28 -17.68
C GLN A 108 11.59 2.19 -17.06
N ARG A 109 11.98 2.36 -15.80
CA ARG A 109 12.73 1.31 -15.14
C ARG A 109 11.93 0.01 -15.08
N ILE A 110 10.65 0.13 -14.73
CA ILE A 110 9.80 -1.04 -14.70
C ILE A 110 9.66 -1.67 -16.08
N VAL A 111 9.46 -0.84 -17.10
CA VAL A 111 9.39 -1.38 -18.46
C VAL A 111 10.68 -2.13 -18.83
N THR A 112 11.82 -1.55 -18.51
CA THR A 112 13.09 -2.17 -18.90
C THR A 112 13.32 -3.50 -18.16
N ASN A 113 12.84 -3.55 -16.94
CA ASN A 113 13.03 -4.75 -16.12
C ASN A 113 12.12 -5.90 -16.57
N SER A 114 10.83 -5.63 -16.71
CA SER A 114 9.83 -6.65 -16.97
C SER A 114 9.66 -7.01 -18.45
N LYS A 115 10.13 -6.14 -19.34
CA LYS A 115 10.05 -6.34 -20.79
C LYS A 115 8.66 -6.79 -21.31
N PRO A 116 7.62 -6.00 -21.00
CA PRO A 116 6.27 -6.40 -21.40
C PRO A 116 6.13 -6.36 -22.92
N VAL A 117 5.24 -7.17 -23.48
CA VAL A 117 5.02 -7.18 -24.92
C VAL A 117 3.89 -6.23 -25.35
N ILE A 118 3.03 -5.91 -24.39
CA ILE A 118 1.88 -5.02 -24.63
C ILE A 118 1.63 -4.21 -23.35
N VAL A 119 1.11 -2.99 -23.48
CA VAL A 119 0.61 -2.24 -22.33
C VAL A 119 -0.89 -1.91 -22.49
N LEU A 120 -1.68 -2.10 -21.43
CA LEU A 120 -3.11 -1.75 -21.47
C LEU A 120 -3.36 -0.52 -20.65
N MSE A 121 -4.27 0.35 -21.12
CA MSE A 121 -4.59 1.57 -20.38
C MSE A 121 -5.93 2.17 -20.86
O MSE A 121 -6.41 1.81 -21.93
CB MSE A 121 -3.47 2.61 -20.59
CG MSE A 121 -3.32 3.09 -22.03
SE MSE A 121 -1.82 4.39 -22.31
CE MSE A 121 -0.27 3.22 -21.96
N ILE A 122 -6.51 3.09 -20.09
CA ILE A 122 -7.81 3.67 -20.51
C ILE A 122 -7.60 4.73 -21.59
N ALA A 123 -8.65 4.96 -22.38
CA ALA A 123 -8.58 5.86 -23.53
C ALA A 123 -7.99 7.21 -23.15
N ASP A 124 -8.38 7.71 -21.98
CA ASP A 124 -7.90 9.00 -21.49
C ASP A 124 -6.39 9.01 -21.30
N HIS A 125 -5.81 7.83 -21.10
CA HIS A 125 -4.36 7.75 -20.90
C HIS A 125 -3.57 7.57 -22.19
N ILE A 126 -4.20 6.96 -23.18
CA ILE A 126 -3.58 6.86 -24.49
C ILE A 126 -3.30 8.27 -24.99
N LYS A 127 -4.23 9.16 -24.69
CA LYS A 127 -4.08 10.58 -24.99
C LYS A 127 -2.92 11.20 -24.21
N LYS A 128 -2.94 11.03 -22.89
CA LYS A 128 -1.95 11.69 -22.04
C LYS A 128 -0.53 11.17 -22.32
N PHE A 129 -0.44 9.88 -22.64
CA PHE A 129 0.87 9.20 -22.68
C PHE A 129 1.40 8.77 -24.05
N THR A 130 0.61 8.90 -25.11
CA THR A 130 1.12 8.63 -26.45
C THR A 130 0.63 9.70 -27.44
N PRO A 138 0.08 3.25 -31.63
CA PRO A 138 0.43 3.92 -30.38
C PRO A 138 1.41 3.08 -29.58
N LYS A 139 2.31 3.76 -28.89
CA LYS A 139 3.27 3.07 -28.05
C LYS A 139 3.49 3.92 -26.82
N PHE A 140 3.83 3.25 -25.74
CA PHE A 140 4.15 3.89 -24.48
C PHE A 140 5.52 3.37 -24.08
N LEU A 141 6.49 4.29 -23.95
CA LEU A 141 7.86 3.88 -23.74
C LEU A 141 8.19 2.71 -24.67
N LYS A 142 7.97 2.90 -25.96
CA LYS A 142 8.30 1.90 -26.97
C LYS A 142 7.48 0.59 -26.93
N ILE A 143 6.53 0.47 -26.00
CA ILE A 143 5.69 -0.72 -25.92
C ILE A 143 4.34 -0.50 -26.59
N PRO A 144 3.93 -1.43 -27.46
CA PRO A 144 2.64 -1.24 -28.16
C PRO A 144 1.51 -1.12 -27.15
N ALA A 145 0.64 -0.13 -27.36
CA ALA A 145 -0.40 0.18 -26.40
C ALA A 145 -1.79 -0.11 -26.96
N ILE A 146 -2.67 -0.59 -26.08
CA ILE A 146 -4.05 -0.87 -26.44
C ILE A 146 -5.01 -0.20 -25.45
N ALA A 147 -6.00 0.52 -25.97
CA ALA A 147 -7.00 1.16 -25.11
C ALA A 147 -8.03 0.11 -24.73
N LEU A 148 -8.32 0.02 -23.43
CA LEU A 148 -9.30 -0.96 -22.92
C LEU A 148 -10.69 -0.74 -23.51
N GLU A 149 -11.02 0.53 -23.79
CA GLU A 149 -12.27 0.90 -24.44
C GLU A 149 -12.48 0.25 -25.81
N SER A 150 -11.38 -0.14 -26.44
CA SER A 150 -11.43 -0.70 -27.79
C SER A 150 -11.66 -2.21 -27.82
N ILE A 151 -11.54 -2.85 -26.67
CA ILE A 151 -11.73 -4.29 -26.63
C ILE A 151 -13.22 -4.61 -26.55
N GLU A 152 -13.80 -5.05 -27.66
CA GLU A 152 -15.22 -5.34 -27.73
C GLU A 152 -15.56 -6.70 -27.12
N LEU A 153 -16.66 -6.76 -26.38
CA LEU A 153 -17.09 -7.98 -25.68
C LEU A 153 -17.38 -9.14 -26.63
N ASN A 154 -17.60 -8.82 -27.90
CA ASN A 154 -17.82 -9.85 -28.89
C ASN A 154 -16.63 -10.81 -28.98
N ARG A 155 -15.44 -10.28 -28.73
CA ARG A 155 -14.20 -11.05 -28.83
C ARG A 155 -14.13 -12.19 -27.80
N SER A 156 -14.87 -12.03 -26.71
CA SER A 156 -14.89 -13.01 -25.64
C SER A 156 -14.97 -14.46 -26.15
N SER A 157 -15.80 -14.69 -27.15
CA SER A 157 -16.03 -16.06 -27.62
C SER A 157 -14.79 -16.68 -28.27
N SER A 158 -13.83 -15.83 -28.63
CA SER A 158 -12.60 -16.28 -29.29
C SER A 158 -11.48 -16.67 -28.31
N TRP A 159 -11.68 -16.42 -27.04
CA TRP A 159 -10.69 -16.77 -26.03
C TRP A 159 -10.37 -18.27 -26.07
N GLN A 160 -9.07 -18.58 -26.11
CA GLN A 160 -8.62 -19.97 -26.00
C GLN A 160 -7.97 -20.23 -24.65
N PRO A 161 -8.62 -21.04 -23.81
CA PRO A 161 -8.11 -21.31 -22.46
C PRO A 161 -6.70 -21.91 -22.44
N THR A 162 -5.89 -21.51 -21.47
CA THR A 162 -4.57 -22.05 -21.30
C THR A 162 -4.59 -23.06 -20.14
N SER A 163 -3.53 -23.84 -20.00
CA SER A 163 -3.40 -24.78 -18.89
C SER A 163 -2.48 -24.22 -17.80
N ILE A 164 -3.06 -23.38 -16.94
CA ILE A 164 -2.38 -22.74 -15.84
C ILE A 164 -1.85 -23.75 -14.81
N LYS A 165 -0.61 -23.56 -14.37
CA LYS A 165 -0.07 -24.37 -13.28
C LYS A 165 0.08 -23.57 -12.01
N SER A 166 -0.10 -24.23 -10.87
CA SER A 166 0.07 -23.61 -9.56
C SER A 166 1.27 -22.72 -9.48
N ASN A 167 2.42 -23.24 -9.89
CA ASN A 167 3.67 -22.50 -9.73
C ASN A 167 3.89 -21.43 -10.81
N ASP A 168 3.00 -21.35 -11.79
CA ASP A 168 3.11 -20.27 -12.79
C ASP A 168 3.00 -18.89 -12.12
N ILE A 169 3.79 -17.92 -12.60
CA ILE A 169 3.71 -16.56 -12.09
C ILE A 169 2.44 -15.88 -12.59
N ALA A 170 1.66 -15.33 -11.67
CA ALA A 170 0.39 -14.68 -12.02
C ALA A 170 0.60 -13.18 -12.27
N PHE A 171 1.32 -12.53 -11.36
CA PHE A 171 1.63 -11.12 -11.58
C PHE A 171 2.92 -10.67 -10.93
N LEU A 172 3.42 -9.52 -11.36
CA LEU A 172 4.55 -8.94 -10.64
C LEU A 172 4.03 -7.82 -9.73
N GLN A 173 4.50 -7.73 -8.50
CA GLN A 173 4.20 -6.51 -7.73
C GLN A 173 5.47 -5.83 -7.27
N TYR A 174 5.67 -4.62 -7.78
CA TYR A 174 6.84 -3.82 -7.47
C TYR A 174 6.79 -3.19 -6.10
N THR A 175 7.81 -3.48 -5.28
CA THR A 175 7.80 -3.00 -3.89
C THR A 175 7.53 -1.49 -3.83
N SER A 176 7.11 -1.01 -2.66
CA SER A 176 6.73 0.39 -2.52
C SER A 176 7.92 1.34 -2.75
N GLY A 177 9.11 0.92 -2.33
CA GLY A 177 10.25 1.83 -2.29
C GLY A 177 11.59 1.26 -2.71
N SER A 178 11.71 0.96 -3.99
CA SER A 178 12.99 0.57 -4.56
C SER A 178 13.06 1.30 -5.88
N THR A 179 12.65 2.56 -5.86
CA THR A 179 12.36 3.27 -7.11
C THR A 179 13.54 3.38 -8.07
N MSE A 180 14.77 3.45 -7.57
CA MSE A 180 15.94 3.59 -8.44
C MSE A 180 16.38 2.26 -9.05
O MSE A 180 17.16 2.22 -9.96
CB MSE A 180 17.10 4.27 -7.71
CG MSE A 180 16.86 5.76 -7.43
SE MSE A 180 16.63 6.80 -9.09
CE MSE A 180 18.36 6.39 -9.87
N HIS A 181 15.89 1.15 -8.49
CA HIS A 181 16.21 -0.18 -9.00
C HIS A 181 15.07 -1.08 -8.54
N PRO A 182 13.93 -0.99 -9.24
CA PRO A 182 12.67 -1.57 -8.79
C PRO A 182 12.73 -3.07 -8.66
N LYS A 183 12.09 -3.63 -7.65
CA LYS A 183 12.06 -5.07 -7.49
C LYS A 183 10.65 -5.59 -7.77
N GLY A 184 10.49 -6.38 -8.82
CA GLY A 184 9.19 -6.89 -9.18
C GLY A 184 8.98 -8.24 -8.53
N VAL A 185 8.29 -8.24 -7.39
CA VAL A 185 7.99 -9.50 -6.71
C VAL A 185 7.15 -10.44 -7.57
N MSE A 186 7.62 -11.67 -7.72
CA MSE A 186 6.95 -12.65 -8.57
C MSE A 186 5.93 -13.48 -7.78
O MSE A 186 6.29 -14.38 -7.04
CB MSE A 186 8.01 -13.57 -9.20
CG MSE A 186 9.08 -12.83 -9.96
SE MSE A 186 10.75 -13.90 -10.19
CE MSE A 186 9.97 -15.52 -10.92
N VAL A 187 4.65 -13.18 -7.97
CA VAL A 187 3.60 -13.84 -7.21
C VAL A 187 2.97 -14.95 -8.05
N SER A 188 3.15 -16.19 -7.63
CA SER A 188 2.63 -17.32 -8.38
C SER A 188 1.13 -17.47 -8.12
N HIS A 189 0.45 -18.24 -8.96
CA HIS A 189 -0.96 -18.53 -8.71
C HIS A 189 -1.17 -19.17 -7.30
N HIS A 190 -0.30 -20.11 -6.95
CA HIS A 190 -0.39 -20.77 -5.66
C HIS A 190 -0.13 -19.78 -4.51
N ASN A 191 0.85 -18.90 -4.69
CA ASN A 191 1.13 -17.84 -3.70
C ASN A 191 -0.14 -17.05 -3.44
N LEU A 192 -0.76 -16.62 -4.53
CA LEU A 192 -1.91 -15.72 -4.45
C LEU A 192 -3.07 -16.36 -3.69
N LEU A 193 -3.41 -17.59 -4.03
CA LEU A 193 -4.57 -18.24 -3.38
C LEU A 193 -4.27 -18.56 -1.91
N ASP A 194 -3.03 -18.89 -1.62
CA ASP A 194 -2.68 -19.16 -0.24
C ASP A 194 -2.91 -17.91 0.59
N ASN A 195 -2.44 -16.77 0.10
CA ASN A 195 -2.62 -15.56 0.89
C ASN A 195 -4.06 -15.04 0.92
N LEU A 196 -4.78 -15.17 -0.20
CA LEU A 196 -6.19 -14.81 -0.20
C LEU A 196 -6.96 -15.60 0.87
N ASN A 197 -6.63 -16.88 1.01
CA ASN A 197 -7.27 -17.76 1.98
C ASN A 197 -6.93 -17.33 3.41
N LYS A 198 -5.68 -16.99 3.62
CA LYS A 198 -5.25 -16.55 4.94
C LYS A 198 -5.89 -15.22 5.32
N ILE A 199 -6.06 -14.34 4.34
CA ILE A 199 -6.71 -13.06 4.56
C ILE A 199 -8.20 -13.29 4.89
N PHE A 200 -8.88 -14.07 4.05
CA PHE A 200 -10.31 -14.30 4.23
C PHE A 200 -10.56 -14.95 5.62
N THR A 201 -9.75 -15.94 5.94
CA THR A 201 -9.85 -16.64 7.21
C THR A 201 -9.48 -15.75 8.40
N SER A 202 -8.29 -15.17 8.33
CA SER A 202 -7.77 -14.36 9.43
C SER A 202 -8.63 -13.17 9.77
N PHE A 203 -9.23 -12.56 8.74
CA PHE A 203 -10.13 -11.42 8.95
C PHE A 203 -11.59 -11.80 9.32
N HIS A 204 -11.82 -13.09 9.52
CA HIS A 204 -13.15 -13.56 9.85
C HIS A 204 -14.20 -13.06 8.87
N MSE A 205 -13.86 -13.08 7.59
CA MSE A 205 -14.83 -12.73 6.57
C MSE A 205 -15.94 -13.80 6.46
O MSE A 205 -15.76 -14.95 6.88
CB MSE A 205 -14.11 -12.56 5.22
CG MSE A 205 -12.91 -11.66 5.33
SE MSE A 205 -12.40 -10.92 3.61
CE MSE A 205 -10.95 -9.72 4.22
N ASN A 206 -17.07 -13.40 5.89
CA ASN A 206 -18.21 -14.30 5.68
C ASN A 206 -19.02 -13.80 4.52
N ASP A 207 -20.18 -14.42 4.28
CA ASP A 207 -20.98 -14.14 3.10
C ASP A 207 -21.47 -12.72 3.11
N GLU A 208 -21.54 -12.09 4.29
CA GLU A 208 -22.10 -10.75 4.37
C GLU A 208 -21.05 -9.65 4.41
N THR A 209 -19.78 -10.05 4.36
CA THR A 209 -18.70 -9.07 4.40
C THR A 209 -18.81 -8.04 3.29
N ILE A 210 -18.59 -6.77 3.64
CA ILE A 210 -18.49 -5.70 2.64
C ILE A 210 -17.20 -4.93 2.83
N ILE A 211 -16.29 -5.01 1.85
CA ILE A 211 -15.00 -4.34 1.99
C ILE A 211 -15.06 -3.01 1.28
N PHE A 212 -14.75 -1.93 2.00
CA PHE A 212 -14.61 -0.65 1.32
C PHE A 212 -13.13 -0.24 1.23
N SER A 213 -12.75 0.36 0.12
CA SER A 213 -11.35 0.74 -0.04
C SER A 213 -11.11 1.96 -0.93
N TRP A 214 -10.23 2.86 -0.48
CA TRP A 214 -9.74 3.94 -1.34
C TRP A 214 -8.26 3.72 -1.71
N LEU A 215 -7.70 2.61 -1.27
CA LEU A 215 -6.26 2.39 -1.35
C LEU A 215 -5.80 2.18 -2.77
N PRO A 216 -4.60 2.67 -3.11
CA PRO A 216 -3.93 2.40 -4.40
C PRO A 216 -4.10 0.94 -4.83
N PRO A 217 -4.78 0.74 -5.97
CA PRO A 217 -5.24 -0.61 -6.31
C PRO A 217 -4.21 -1.49 -7.01
N HIS A 218 -3.01 -0.96 -7.24
CA HIS A 218 -2.02 -1.62 -8.10
C HIS A 218 -1.04 -2.52 -7.38
N HIS A 219 -1.10 -2.53 -6.05
CA HIS A 219 -0.14 -3.32 -5.30
C HIS A 219 -0.57 -3.44 -3.87
N ASP A 220 0.07 -4.37 -3.18
CA ASP A 220 -0.22 -4.76 -1.80
C ASP A 220 -1.67 -4.70 -1.35
N MSE A 221 -1.94 -3.96 -0.27
CA MSE A 221 -3.22 -4.09 0.41
C MSE A 221 -4.38 -3.69 -0.49
O MSE A 221 -5.41 -4.36 -0.51
CB MSE A 221 -3.26 -3.25 1.70
CG MSE A 221 -2.07 -3.43 2.61
SE MSE A 221 -2.30 -2.50 4.33
CE MSE A 221 -2.32 -0.64 3.67
N GLY A 222 -4.22 -2.61 -1.23
CA GLY A 222 -5.30 -2.14 -2.08
C GLY A 222 -5.63 -3.08 -3.22
N LEU A 223 -4.66 -3.90 -3.63
CA LEU A 223 -4.91 -4.88 -4.70
C LEU A 223 -5.27 -6.23 -4.14
N ILE A 224 -4.36 -6.77 -3.34
CA ILE A 224 -4.51 -8.14 -2.89
C ILE A 224 -5.60 -8.27 -1.84
N GLY A 225 -5.60 -7.36 -0.87
CA GLY A 225 -6.61 -7.39 0.17
C GLY A 225 -8.00 -6.91 -0.25
N CYS A 226 -8.05 -5.81 -0.98
CA CYS A 226 -9.33 -5.12 -1.22
C CYS A 226 -10.00 -5.37 -2.56
N ILE A 227 -9.31 -6.08 -3.45
CA ILE A 227 -9.89 -6.42 -4.73
C ILE A 227 -9.84 -7.91 -4.96
N LEU A 228 -8.67 -8.50 -4.85
CA LEU A 228 -8.54 -9.91 -5.18
C LEU A 228 -9.18 -10.79 -4.13
N THR A 229 -9.02 -10.44 -2.85
CA THR A 229 -9.65 -11.22 -1.80
C THR A 229 -11.21 -11.25 -1.93
N PRO A 230 -11.85 -10.09 -2.14
CA PRO A 230 -13.32 -10.14 -2.33
C PRO A 230 -13.75 -10.95 -3.55
N ILE A 231 -13.03 -10.77 -4.66
CA ILE A 231 -13.36 -11.48 -5.88
C ILE A 231 -13.20 -12.98 -5.64
N TYR A 232 -12.14 -13.34 -4.93
CA TYR A 232 -11.91 -14.72 -4.57
C TYR A 232 -13.01 -15.27 -3.66
N GLY A 233 -13.42 -14.46 -2.69
CA GLY A 233 -14.32 -14.94 -1.65
C GLY A 233 -15.80 -14.80 -1.93
N GLY A 234 -16.17 -14.23 -3.06
CA GLY A 234 -17.59 -14.05 -3.35
C GLY A 234 -18.29 -13.01 -2.50
N ILE A 235 -17.59 -11.96 -2.11
CA ILE A 235 -18.15 -10.90 -1.28
C ILE A 235 -17.92 -9.56 -1.97
N GLN A 236 -18.60 -8.52 -1.52
CA GLN A 236 -18.56 -7.25 -2.26
C GLN A 236 -17.38 -6.37 -1.95
N ALA A 237 -16.85 -5.72 -2.98
CA ALA A 237 -15.86 -4.69 -2.78
C ALA A 237 -16.47 -3.40 -3.27
N ILE A 238 -16.26 -2.34 -2.51
CA ILE A 238 -16.73 -1.02 -2.88
C ILE A 238 -15.54 -0.09 -2.74
N MSE A 239 -15.30 0.73 -3.76
CA MSE A 239 -14.06 1.47 -3.85
C MSE A 239 -14.22 2.86 -4.44
O MSE A 239 -15.21 3.15 -5.13
CB MSE A 239 -13.07 0.70 -4.72
CG MSE A 239 -12.53 -0.57 -4.12
SE MSE A 239 -12.14 -1.86 -5.55
CE MSE A 239 -13.99 -2.06 -6.13
N MSE A 240 -13.25 3.72 -4.13
CA MSE A 240 -13.04 5.02 -4.77
C MSE A 240 -11.54 5.22 -4.96
O MSE A 240 -10.74 4.38 -4.52
CB MSE A 240 -13.59 6.15 -3.93
CG MSE A 240 -12.83 6.34 -2.61
SE MSE A 240 -13.64 7.82 -1.60
CE MSE A 240 -12.61 7.63 0.03
N SER A 241 -11.14 6.31 -5.59
CA SER A 241 -9.73 6.55 -5.88
C SER A 241 -9.04 7.16 -4.66
N PRO A 242 -7.75 6.86 -4.51
CA PRO A 242 -6.94 7.51 -3.47
C PRO A 242 -7.04 9.04 -3.55
N PHE A 243 -6.98 9.60 -4.76
CA PHE A 243 -7.07 11.04 -4.96
C PHE A 243 -8.31 11.60 -4.29
N SER A 244 -9.40 10.84 -4.39
CA SER A 244 -10.65 11.25 -3.78
C SER A 244 -10.54 11.29 -2.26
N PHE A 245 -9.86 10.31 -1.68
CA PHE A 245 -9.70 10.30 -0.24
C PHE A 245 -8.81 11.48 0.18
N LEU A 246 -7.71 11.68 -0.54
CA LEU A 246 -6.76 12.75 -0.24
C LEU A 246 -7.40 14.14 -0.28
N GLN A 247 -8.31 14.32 -1.22
CA GLN A 247 -9.00 15.59 -1.43
C GLN A 247 -10.10 15.81 -0.40
N ASN A 248 -10.68 14.72 0.08
CA ASN A 248 -11.83 14.80 0.99
C ASN A 248 -11.94 13.57 1.85
N PRO A 249 -11.07 13.45 2.85
CA PRO A 249 -10.94 12.28 3.72
C PRO A 249 -12.31 11.84 4.21
N LEU A 250 -13.15 12.82 4.53
CA LEU A 250 -14.51 12.57 5.01
C LEU A 250 -15.30 11.58 4.14
N SER A 251 -15.01 11.55 2.85
CA SER A 251 -15.73 10.64 1.95
C SER A 251 -15.53 9.18 2.36
N TRP A 252 -14.35 8.85 2.87
CA TRP A 252 -14.11 7.49 3.35
C TRP A 252 -15.21 7.09 4.34
N LEU A 253 -15.46 7.98 5.30
CA LEU A 253 -16.36 7.68 6.41
C LEU A 253 -17.83 7.79 5.99
N LYS A 254 -18.11 8.73 5.10
CA LYS A 254 -19.43 8.81 4.51
C LYS A 254 -19.77 7.56 3.72
N HIS A 255 -18.79 6.98 3.02
CA HIS A 255 -19.08 5.77 2.23
C HIS A 255 -19.22 4.52 3.08
N ILE A 256 -18.37 4.38 4.08
CA ILE A 256 -18.55 3.31 5.03
C ILE A 256 -19.98 3.39 5.61
N THR A 257 -20.43 4.61 5.92
CA THR A 257 -21.74 4.80 6.52
C THR A 257 -22.83 4.35 5.54
N LYS A 258 -22.82 4.94 4.35
CA LYS A 258 -23.88 4.69 3.37
C LYS A 258 -23.94 3.23 2.94
N TYR A 259 -22.78 2.61 2.75
CA TYR A 259 -22.77 1.23 2.28
C TYR A 259 -22.76 0.20 3.40
N LYS A 260 -22.69 0.68 4.64
CA LYS A 260 -22.53 -0.21 5.78
C LYS A 260 -21.36 -1.19 5.58
N ALA A 261 -20.20 -0.64 5.22
CA ALA A 261 -19.01 -1.47 5.04
C ALA A 261 -18.61 -2.14 6.35
N THR A 262 -18.18 -3.40 6.30
CA THR A 262 -17.78 -4.10 7.52
C THR A 262 -16.25 -4.09 7.73
N ILE A 263 -15.50 -4.03 6.62
CA ILE A 263 -14.03 -4.07 6.66
C ILE A 263 -13.47 -2.99 5.76
N SER A 264 -12.56 -2.20 6.29
CA SER A 264 -11.88 -1.15 5.56
C SER A 264 -10.63 -0.83 6.37
N GLY A 265 -9.59 -0.30 5.71
CA GLY A 265 -8.35 0.03 6.38
C GLY A 265 -7.34 0.79 5.53
N SER A 266 -6.14 0.95 6.08
CA SER A 266 -5.18 1.88 5.47
C SER A 266 -3.86 1.79 6.22
N PRO A 267 -2.80 2.39 5.67
CA PRO A 267 -1.62 2.67 6.49
C PRO A 267 -2.00 3.53 7.69
N ASN A 268 -1.14 3.55 8.71
CA ASN A 268 -1.45 4.29 9.94
C ASN A 268 -1.75 5.76 9.70
N PHE A 269 -1.00 6.40 8.80
CA PHE A 269 -1.17 7.85 8.64
C PHE A 269 -2.60 8.27 8.33
N ALA A 270 -3.35 7.44 7.63
CA ALA A 270 -4.65 7.88 7.12
C ALA A 270 -5.64 8.15 8.26
N TYR A 271 -5.50 7.41 9.35
CA TYR A 271 -6.36 7.67 10.52
C TYR A 271 -6.11 9.06 11.11
N ASP A 272 -4.84 9.43 11.25
CA ASP A 272 -4.46 10.80 11.64
C ASP A 272 -4.98 11.86 10.65
N TYR A 273 -4.92 11.53 9.37
CA TYR A 273 -5.30 12.48 8.33
C TYR A 273 -6.79 12.82 8.41
N CYS A 274 -7.61 11.84 8.79
CA CYS A 274 -9.03 12.10 9.01
C CYS A 274 -9.21 12.98 10.23
N VAL A 275 -8.50 12.64 11.30
CA VAL A 275 -8.56 13.45 12.51
C VAL A 275 -8.18 14.89 12.18
N LYS A 276 -7.05 15.04 11.50
CA LYS A 276 -6.52 16.36 11.20
C LYS A 276 -7.47 17.22 10.36
N ARG A 277 -8.09 16.62 9.35
CA ARG A 277 -8.87 17.40 8.38
C ARG A 277 -10.39 17.45 8.55
N ILE A 278 -10.97 16.52 9.29
CA ILE A 278 -12.42 16.49 9.40
C ILE A 278 -12.88 17.26 10.61
N ARG A 279 -13.67 18.32 10.38
CA ARG A 279 -14.19 19.17 11.46
C ARG A 279 -15.43 18.56 12.10
N GLU A 280 -15.63 18.88 13.38
CA GLU A 280 -16.75 18.33 14.14
C GLU A 280 -18.06 18.40 13.39
N GLU A 281 -18.36 19.58 12.83
CA GLU A 281 -19.68 19.82 12.24
C GLU A 281 -19.94 18.90 11.07
N LYS A 282 -18.87 18.53 10.39
CA LYS A 282 -18.97 17.74 9.17
C LYS A 282 -19.24 16.27 9.49
N LYS A 283 -19.09 15.92 10.75
CA LYS A 283 -19.20 14.52 11.16
C LYS A 283 -20.64 14.08 11.30
N GLU A 284 -21.55 15.05 11.30
CA GLU A 284 -22.98 14.77 11.49
C GLU A 284 -23.47 13.88 10.37
N GLY A 285 -24.16 12.80 10.73
CA GLY A 285 -24.68 11.88 9.72
C GLY A 285 -23.83 10.62 9.60
N LEU A 286 -22.59 10.69 10.08
CA LEU A 286 -21.73 9.53 10.14
C LEU A 286 -22.27 8.46 11.10
N ASP A 287 -22.21 7.20 10.64
CA ASP A 287 -22.61 6.05 11.45
C ASP A 287 -21.72 4.88 11.07
N LEU A 288 -20.70 4.69 11.90
CA LEU A 288 -19.59 3.77 11.62
C LEU A 288 -19.76 2.43 12.33
N SER A 289 -20.95 2.21 12.89
CA SER A 289 -21.24 0.98 13.61
C SER A 289 -21.05 -0.31 12.81
N SER A 290 -21.12 -0.25 11.48
CA SER A 290 -20.97 -1.49 10.70
C SER A 290 -19.50 -1.94 10.59
N TRP A 291 -18.61 -0.98 10.81
CA TRP A 291 -17.17 -1.15 10.62
C TRP A 291 -16.55 -2.00 11.73
N VAL A 292 -16.48 -3.32 11.53
CA VAL A 292 -15.99 -4.19 12.61
C VAL A 292 -14.48 -4.46 12.54
N THR A 293 -13.88 -4.28 11.37
CA THR A 293 -12.45 -4.41 11.25
C THR A 293 -11.87 -3.20 10.52
N ALA A 294 -11.09 -2.42 11.26
CA ALA A 294 -10.43 -1.23 10.73
C ALA A 294 -8.93 -1.52 10.70
N PHE A 295 -8.44 -2.08 9.62
CA PHE A 295 -7.10 -2.63 9.64
C PHE A 295 -6.05 -1.51 9.51
N ASN A 296 -4.91 -1.71 10.15
CA ASN A 296 -3.85 -0.71 10.22
C ASN A 296 -2.51 -1.41 10.00
N GLY A 297 -1.95 -1.21 8.80
CA GLY A 297 -0.74 -1.89 8.38
C GLY A 297 -0.11 -1.21 7.15
N ALA A 298 1.13 -1.61 6.87
CA ALA A 298 1.97 -1.13 5.76
C ALA A 298 3.00 -0.13 6.24
N GLU A 299 2.87 0.33 7.47
CA GLU A 299 3.89 1.19 8.07
C GLU A 299 3.80 1.10 9.61
N PRO A 300 4.75 1.72 10.32
CA PRO A 300 4.64 1.60 11.79
C PRO A 300 3.28 2.04 12.30
N VAL A 301 2.71 1.20 13.14
CA VAL A 301 1.40 1.41 13.74
C VAL A 301 1.56 2.11 15.10
N ARG A 302 0.87 3.23 15.29
CA ARG A 302 1.01 4.03 16.51
C ARG A 302 -0.25 4.02 17.36
N GLU A 303 -0.08 3.71 18.65
CA GLU A 303 -1.15 3.81 19.61
C GLU A 303 -1.82 5.18 19.60
N GLU A 304 -1.00 6.25 19.56
CA GLU A 304 -1.55 7.61 19.62
C GLU A 304 -2.53 7.91 18.48
N THR A 305 -2.18 7.45 17.29
CA THR A 305 -3.04 7.62 16.12
C THR A 305 -4.40 7.01 16.34
N MSE A 306 -4.41 5.78 16.84
CA MSE A 306 -5.64 5.05 17.04
C MSE A 306 -6.47 5.64 18.20
O MSE A 306 -7.68 5.82 18.07
CB MSE A 306 -5.34 3.56 17.20
CG MSE A 306 -4.84 2.94 15.89
SE MSE A 306 -4.51 1.01 15.98
CE MSE A 306 -2.93 0.98 17.15
N GLU A 307 -5.82 5.97 19.30
CA GLU A 307 -6.50 6.69 20.40
C GLU A 307 -7.11 7.98 19.85
N HIS A 308 -6.32 8.75 19.09
CA HIS A 308 -6.84 10.01 18.54
C HIS A 308 -8.07 9.75 17.67
N PHE A 309 -7.98 8.75 16.81
CA PHE A 309 -9.07 8.49 15.86
C PHE A 309 -10.33 7.99 16.59
N TYR A 310 -10.12 7.09 17.53
CA TYR A 310 -11.22 6.63 18.37
C TYR A 310 -11.98 7.79 19.03
N GLN A 311 -11.27 8.73 19.65
CA GLN A 311 -12.00 9.83 20.29
C GLN A 311 -12.64 10.82 19.33
N ALA A 312 -12.09 10.94 18.13
CA ALA A 312 -12.69 11.79 17.11
C ALA A 312 -13.98 11.22 16.50
N PHE A 313 -14.15 9.89 16.56
CA PHE A 313 -15.30 9.29 15.89
C PHE A 313 -16.13 8.31 16.72
N LYS A 314 -15.81 8.16 18.00
CA LYS A 314 -16.58 7.23 18.82
C LYS A 314 -18.04 7.70 18.95
N GLU A 315 -18.26 9.01 18.88
CA GLU A 315 -19.62 9.52 19.04
C GLU A 315 -20.43 9.26 17.78
N PHE A 316 -19.78 8.62 16.80
CA PHE A 316 -20.42 8.35 15.52
C PHE A 316 -20.38 6.86 15.17
N GLY A 317 -20.30 6.02 16.21
CA GLY A 317 -20.42 4.58 16.04
C GLY A 317 -19.10 3.85 15.84
N PHE A 318 -17.98 4.57 15.81
CA PHE A 318 -16.70 3.86 15.71
C PHE A 318 -16.29 3.24 17.04
N ARG A 319 -15.92 1.96 17.00
CA ARG A 319 -15.48 1.22 18.17
C ARG A 319 -13.98 0.91 18.14
N LYS A 320 -13.31 1.13 19.26
CA LYS A 320 -11.88 0.89 19.34
C LYS A 320 -11.56 -0.59 19.12
N GLU A 321 -12.52 -1.46 19.42
CA GLU A 321 -12.40 -2.89 19.16
C GLU A 321 -12.04 -3.19 17.72
N ALA A 322 -12.47 -2.32 16.82
CA ALA A 322 -12.39 -2.59 15.39
C ALA A 322 -10.97 -2.51 14.88
N PHE A 323 -10.15 -1.69 15.54
CA PHE A 323 -8.75 -1.53 15.14
C PHE A 323 -8.00 -2.84 15.10
N TYR A 324 -7.42 -3.11 13.93
CA TYR A 324 -6.74 -4.37 13.61
C TYR A 324 -5.36 -4.09 13.03
N PRO A 325 -4.33 -4.03 13.90
CA PRO A 325 -2.97 -3.93 13.36
C PRO A 325 -2.57 -5.20 12.63
N CYS A 326 -1.75 -5.06 11.60
CA CYS A 326 -1.29 -6.20 10.83
C CYS A 326 0.01 -5.88 10.08
N TYR A 327 0.76 -6.91 9.78
CA TYR A 327 2.08 -6.74 9.19
C TYR A 327 2.20 -7.67 8.00
N GLY A 328 2.86 -7.18 6.96
CA GLY A 328 3.17 -7.99 5.79
C GLY A 328 4.00 -7.21 4.78
N LEU A 329 4.33 -7.87 3.68
CA LEU A 329 5.13 -7.23 2.65
C LEU A 329 4.94 -7.98 1.33
N ALA A 330 5.21 -7.31 0.23
CA ALA A 330 5.01 -7.90 -1.08
C ALA A 330 5.73 -9.24 -1.31
N GLU A 331 6.95 -9.42 -0.76
CA GLU A 331 7.72 -10.66 -0.96
C GLU A 331 7.05 -11.86 -0.32
N ALA A 332 6.18 -11.58 0.64
CA ALA A 332 5.36 -12.62 1.24
C ALA A 332 3.93 -12.56 0.74
N THR A 333 3.78 -12.12 -0.51
CA THR A 333 2.47 -11.81 -1.13
C THR A 333 1.75 -10.63 -0.46
N LEU A 334 1.33 -10.79 0.79
CA LEU A 334 0.79 -9.68 1.55
C LEU A 334 0.85 -9.96 3.06
N LEU A 335 -0.13 -10.69 3.59
CA LEU A 335 -0.38 -10.75 5.05
C LEU A 335 0.47 -11.77 5.75
N VAL A 336 1.21 -11.32 6.77
CA VAL A 336 2.11 -12.20 7.50
C VAL A 336 1.65 -12.36 8.96
N THR A 337 1.33 -11.28 9.64
CA THR A 337 0.79 -11.40 10.98
C THR A 337 -0.44 -10.56 11.13
N GLY A 338 -1.28 -10.96 12.08
CA GLY A 338 -2.48 -10.22 12.39
C GLY A 338 -3.15 -10.87 13.57
N GLY A 339 -3.98 -10.12 14.29
CA GLY A 339 -4.58 -10.63 15.51
C GLY A 339 -5.92 -11.30 15.30
N THR A 340 -6.71 -11.34 16.36
CA THR A 340 -8.09 -11.82 16.27
C THR A 340 -9.02 -10.63 16.17
N PRO A 341 -9.85 -10.59 15.11
CA PRO A 341 -10.78 -9.47 14.88
C PRO A 341 -11.72 -9.21 16.07
N GLY A 342 -11.98 -7.96 16.41
CA GLY A 342 -12.84 -7.65 17.55
C GLY A 342 -12.09 -7.63 18.86
N SER A 343 -10.90 -8.23 18.87
CA SER A 343 -10.04 -8.17 20.05
C SER A 343 -9.44 -6.79 20.18
N SER A 344 -9.07 -6.43 21.40
CA SER A 344 -8.26 -5.23 21.58
C SER A 344 -6.85 -5.61 21.22
N TYR A 345 -6.23 -4.84 20.33
CA TYR A 345 -4.80 -5.02 20.05
C TYR A 345 -4.02 -4.66 21.31
N LYS A 346 -2.84 -5.29 21.44
CA LYS A 346 -1.97 -5.11 22.58
C LYS A 346 -0.85 -4.09 22.33
N THR A 347 -0.37 -3.49 23.42
CA THR A 347 0.81 -2.65 23.38
C THR A 347 1.84 -3.15 24.41
N LEU A 348 3.09 -2.72 24.27
CA LEU A 348 4.10 -2.99 25.28
C LEU A 348 4.82 -1.66 25.54
N THR A 349 5.29 -1.46 26.77
CA THR A 349 6.08 -0.27 27.09
C THR A 349 7.55 -0.63 27.27
N LEU A 350 8.40 0.00 26.46
CA LEU A 350 9.84 -0.19 26.55
C LEU A 350 10.49 1.00 27.25
N ALA A 351 11.58 0.72 27.96
CA ALA A 351 12.40 1.76 28.60
C ALA A 351 13.15 2.57 27.53
N LYS A 352 13.62 3.75 27.91
CA LYS A 352 14.31 4.62 26.92
C LYS A 352 15.59 3.98 26.40
N GLU A 353 16.33 3.32 27.29
CA GLU A 353 17.56 2.67 26.88
C GLU A 353 17.33 1.20 26.63
N GLN A 354 17.73 0.75 25.46
CA GLN A 354 17.67 -0.67 25.14
C GLN A 354 19.04 -1.33 25.25
N PHE A 355 19.05 -2.66 25.29
CA PHE A 355 20.28 -3.41 25.51
C PHE A 355 21.05 -3.59 24.21
N GLN A 356 22.39 -3.66 24.31
CA GLN A 356 23.22 -3.76 23.12
C GLN A 356 23.06 -5.12 22.43
N ASP A 357 22.71 -6.16 23.17
CA ASP A 357 22.54 -7.47 22.54
C ASP A 357 21.13 -7.56 21.93
N HIS A 358 20.49 -6.41 21.81
CA HIS A 358 19.11 -6.30 21.29
C HIS A 358 18.04 -7.02 22.11
N ARG A 359 18.35 -7.46 23.33
CA ARG A 359 17.26 -7.96 24.17
C ARG A 359 16.38 -6.78 24.55
N VAL A 360 15.12 -7.06 24.84
CA VAL A 360 14.17 -5.98 25.08
C VAL A 360 14.14 -5.53 26.54
N HIS A 361 14.32 -4.22 26.70
CA HIS A 361 14.33 -3.57 28.01
C HIS A 361 12.94 -2.97 28.23
N PHE A 362 12.16 -3.63 29.08
CA PHE A 362 10.79 -3.18 29.35
C PHE A 362 10.77 -2.12 30.44
N ALA A 363 9.67 -1.38 30.51
CA ALA A 363 9.52 -0.36 31.53
C ALA A 363 8.07 -0.29 32.01
N ASP A 364 7.87 0.30 33.17
CA ASP A 364 6.54 0.57 33.68
C ASP A 364 5.88 1.69 32.88
N ASP A 365 4.54 1.65 32.81
CA ASP A 365 3.79 2.62 32.01
C ASP A 365 3.87 4.03 32.61
N SER A 367 8.42 3.89 33.57
CA SER A 367 9.42 4.95 33.60
C SER A 367 8.97 6.20 32.83
N PRO A 368 9.80 7.27 32.87
CA PRO A 368 9.51 8.57 32.25
C PRO A 368 10.19 8.86 30.92
N GLY A 369 10.99 7.93 30.39
CA GLY A 369 11.53 8.09 29.05
C GLY A 369 10.97 7.01 28.14
N SER A 370 9.96 6.32 28.65
CA SER A 370 9.41 5.12 28.00
C SER A 370 8.64 5.43 26.72
N TYR A 371 8.39 4.38 25.92
CA TYR A 371 7.60 4.50 24.69
C TYR A 371 6.84 3.20 24.45
N LYS A 372 5.73 3.28 23.72
CA LYS A 372 4.84 2.14 23.53
C LYS A 372 4.93 1.58 22.12
N LEU A 373 4.97 0.26 22.02
CA LEU A 373 4.93 -0.40 20.73
C LEU A 373 3.59 -1.13 20.61
N VAL A 374 2.98 -1.05 19.44
CA VAL A 374 1.75 -1.80 19.20
C VAL A 374 2.11 -3.15 18.60
N SER A 375 1.40 -4.21 19.01
CA SER A 375 1.52 -5.53 18.38
C SER A 375 0.95 -5.54 16.96
N SER A 376 1.61 -6.22 16.04
CA SER A 376 1.09 -6.38 14.68
C SER A 376 0.41 -7.75 14.58
N GLY A 377 0.25 -8.43 15.72
CA GLY A 377 -0.56 -9.64 15.79
C GLY A 377 0.19 -10.95 15.87
N ASN A 378 -0.54 -12.06 15.74
CA ASN A 378 0.09 -13.39 15.73
C ASN A 378 0.59 -13.73 14.32
N PRO A 379 1.61 -14.58 14.25
CA PRO A 379 2.12 -15.12 12.98
C PRO A 379 1.03 -15.91 12.26
N ILE A 380 0.68 -15.45 11.07
CA ILE A 380 -0.27 -16.15 10.22
C ILE A 380 0.57 -17.02 9.29
N GLN A 381 1.56 -16.42 8.63
CA GLN A 381 2.67 -17.17 8.08
C GLN A 381 3.66 -17.50 9.20
N GLU A 382 4.50 -18.50 9.00
CA GLU A 382 5.52 -18.82 9.98
C GLU A 382 6.52 -17.67 10.08
N VAL A 383 6.74 -17.18 11.29
CA VAL A 383 7.68 -16.09 11.54
C VAL A 383 8.79 -16.52 12.53
N LYS A 384 10.05 -16.36 12.15
CA LYS A 384 11.16 -16.60 13.07
C LYS A 384 11.98 -15.31 13.19
N ILE A 385 12.46 -15.03 14.39
CA ILE A 385 13.26 -13.82 14.62
C ILE A 385 14.69 -14.30 14.60
N ILE A 386 15.46 -13.85 13.62
CA ILE A 386 16.80 -14.38 13.40
C ILE A 386 17.87 -13.30 13.32
N ASP A 387 19.04 -13.57 13.90
CA ASP A 387 20.13 -12.61 13.87
C ASP A 387 20.65 -12.49 12.45
N PRO A 388 20.67 -11.27 11.90
CA PRO A 388 20.93 -11.13 10.46
C PRO A 388 22.40 -11.33 10.13
N ASP A 389 23.23 -11.41 11.15
CA ASP A 389 24.67 -11.57 10.94
C ASP A 389 25.11 -12.99 11.21
N THR A 390 24.70 -13.53 12.35
CA THR A 390 25.08 -14.89 12.69
C THR A 390 24.15 -15.93 12.09
N LEU A 391 22.91 -15.52 11.76
CA LEU A 391 21.89 -16.41 11.20
C LEU A 391 21.44 -17.41 12.26
N ILE A 392 21.52 -17.00 13.52
CA ILE A 392 21.13 -17.83 14.65
C ILE A 392 19.87 -17.29 15.29
N PRO A 393 18.91 -18.17 15.59
CA PRO A 393 17.63 -17.69 16.13
C PRO A 393 17.79 -16.87 17.41
N CYS A 394 17.03 -15.78 17.50
CA CYS A 394 17.00 -14.98 18.71
C CYS A 394 16.06 -15.60 19.77
N ASP A 395 16.30 -15.26 21.02
CA ASP A 395 15.39 -15.58 22.11
C ASP A 395 14.11 -14.76 21.96
N PHE A 396 13.03 -15.18 22.60
CA PHE A 396 11.89 -14.29 22.67
C PHE A 396 12.33 -13.01 23.36
N ASP A 397 11.61 -11.93 23.12
CA ASP A 397 11.98 -10.64 23.69
C ASP A 397 13.41 -10.26 23.34
N GLN A 398 13.81 -10.60 22.12
CA GLN A 398 15.09 -10.19 21.59
C GLN A 398 14.90 -9.83 20.11
N VAL A 399 15.32 -8.63 19.77
CA VAL A 399 15.15 -8.10 18.41
C VAL A 399 16.13 -8.71 17.44
N GLY A 400 15.60 -9.22 16.34
CA GLY A 400 16.42 -9.65 15.23
C GLY A 400 15.64 -9.46 13.94
N GLU A 401 16.12 -10.02 12.84
CA GLU A 401 15.41 -9.89 11.56
C GLU A 401 14.19 -10.81 11.49
N ILE A 402 13.10 -10.29 10.95
CA ILE A 402 11.90 -11.09 10.78
C ILE A 402 12.09 -11.96 9.55
N TRP A 403 12.08 -13.28 9.75
CA TRP A 403 12.18 -14.23 8.65
C TRP A 403 10.83 -14.94 8.53
N VAL A 404 10.39 -15.21 7.31
CA VAL A 404 9.03 -15.67 7.06
C VAL A 404 9.07 -16.93 6.20
N GLN A 405 8.21 -17.89 6.51
CA GLN A 405 8.17 -19.11 5.74
C GLN A 405 6.72 -19.54 5.57
N SER A 406 6.29 -19.72 4.32
CA SER A 406 4.96 -20.29 4.00
C SER A 406 4.74 -20.39 2.49
N ASN A 407 3.58 -20.94 2.11
CA ASN A 407 3.22 -21.07 0.70
C ASN A 407 2.95 -19.70 0.05
N SER A 408 2.83 -18.66 0.87
CA SER A 408 2.62 -17.27 0.42
C SER A 408 3.94 -16.53 0.11
N VAL A 409 5.05 -17.08 0.55
CA VAL A 409 6.36 -16.50 0.21
C VAL A 409 6.60 -16.52 -1.32
N ALA A 410 6.85 -15.34 -1.90
CA ALA A 410 6.93 -15.23 -3.37
C ALA A 410 8.15 -15.90 -4.01
N LYS A 411 8.18 -15.87 -5.33
CA LYS A 411 9.12 -16.66 -6.09
C LYS A 411 10.46 -15.95 -6.41
N GLY A 412 10.55 -14.66 -6.11
CA GLY A 412 11.77 -13.93 -6.37
C GLY A 412 11.48 -12.54 -6.88
N TYR A 413 12.51 -11.86 -7.37
CA TYR A 413 12.36 -10.56 -8.02
C TYR A 413 12.61 -10.74 -9.50
N TRP A 414 11.64 -10.37 -10.34
CA TRP A 414 11.72 -10.59 -11.78
C TRP A 414 13.07 -10.19 -12.41
N ASN A 415 13.68 -11.13 -13.10
CA ASN A 415 14.89 -10.89 -13.87
C ASN A 415 16.04 -10.43 -12.97
N GLN A 416 16.06 -10.88 -11.70
CA GLN A 416 17.09 -10.48 -10.73
C GLN A 416 17.57 -11.60 -9.85
N PRO A 417 18.40 -12.50 -10.41
CA PRO A 417 18.80 -13.67 -9.63
C PRO A 417 19.62 -13.33 -8.38
N GLU A 418 20.50 -12.34 -8.46
CA GLU A 418 21.42 -12.10 -7.34
C GLU A 418 20.70 -11.37 -6.22
N GLU A 419 19.93 -10.37 -6.60
CA GLU A 419 19.07 -9.69 -5.63
C GLU A 419 18.08 -10.67 -4.98
N THR A 420 17.58 -11.62 -5.76
CA THR A 420 16.66 -12.65 -5.23
C THR A 420 17.42 -13.48 -4.20
N ARG A 421 18.68 -13.80 -4.51
CA ARG A 421 19.52 -14.60 -3.63
C ARG A 421 19.65 -14.00 -2.22
N HIS A 422 19.73 -12.67 -2.13
CA HIS A 422 19.90 -11.99 -0.85
C HIS A 422 18.64 -11.98 0.01
N ALA A 423 17.48 -12.14 -0.62
CA ALA A 423 16.24 -12.00 0.14
C ALA A 423 15.53 -13.31 0.37
N PHE A 424 15.57 -14.20 -0.62
CA PHE A 424 14.68 -15.37 -0.60
C PHE A 424 15.36 -16.66 -0.24
N ALA A 425 16.65 -16.60 0.09
CA ALA A 425 17.37 -17.83 0.42
C ALA A 425 17.97 -17.79 1.82
N GLY A 426 17.12 -17.50 2.80
CA GLY A 426 17.52 -17.46 4.18
C GLY A 426 17.63 -18.86 4.75
N LYS A 427 18.82 -19.19 5.25
CA LYS A 427 19.03 -20.47 5.90
C LYS A 427 19.56 -20.22 7.31
N ILE A 428 18.93 -20.86 8.27
CA ILE A 428 19.31 -20.72 9.65
C ILE A 428 20.55 -21.58 9.95
N LYS A 429 21.50 -21.00 10.68
CA LYS A 429 22.67 -21.74 11.16
C LYS A 429 22.34 -22.47 12.45
N ASP A 430 22.56 -23.77 12.48
CA ASP A 430 22.81 -24.53 11.28
C ASP A 430 21.56 -25.39 11.18
N ASP A 431 20.81 -25.24 10.10
CA ASP A 431 19.55 -25.95 9.97
C ASP A 431 18.62 -25.61 11.12
N SER A 434 16.25 -28.99 5.68
CA SER A 434 16.19 -27.72 6.40
C SER A 434 15.49 -26.63 5.59
N ALA A 435 14.85 -25.72 6.30
CA ALA A 435 13.90 -24.82 5.67
C ALA A 435 14.57 -23.67 4.92
N ILE A 436 13.79 -22.97 4.11
CA ILE A 436 14.29 -21.81 3.40
C ILE A 436 13.36 -20.63 3.69
N TYR A 437 13.91 -19.46 3.94
CA TYR A 437 13.14 -18.35 4.49
C TYR A 437 13.29 -17.09 3.68
N LEU A 438 12.22 -16.30 3.65
CA LEU A 438 12.32 -14.91 3.21
C LEU A 438 12.90 -14.05 4.33
N ARG A 439 13.94 -13.28 4.01
CA ARG A 439 14.50 -12.30 4.92
C ARG A 439 13.87 -10.94 4.60
N THR A 440 13.15 -10.37 5.54
CA THR A 440 12.27 -9.22 5.26
C THR A 440 12.96 -7.87 5.20
N GLY A 441 14.09 -7.76 5.89
CA GLY A 441 14.81 -6.50 6.04
C GLY A 441 14.34 -5.78 7.30
N ASP A 442 13.31 -6.35 7.92
CA ASP A 442 12.62 -5.73 9.05
C ASP A 442 13.15 -6.27 10.38
N LEU A 443 13.17 -5.41 11.39
CA LEU A 443 13.58 -5.82 12.72
C LEU A 443 12.39 -5.87 13.65
N GLY A 444 12.35 -6.84 14.55
CA GLY A 444 11.27 -6.89 15.52
C GLY A 444 11.53 -8.02 16.49
N PHE A 445 10.62 -8.21 17.44
CA PHE A 445 10.79 -9.28 18.41
C PHE A 445 9.45 -9.97 18.64
N LEU A 446 9.50 -11.24 19.00
CA LEU A 446 8.28 -11.96 19.41
C LEU A 446 8.07 -11.87 20.91
N HIS A 447 6.82 -11.72 21.33
CA HIS A 447 6.50 -11.68 22.73
C HIS A 447 5.10 -12.25 22.94
N GLU A 448 5.02 -13.38 23.62
CA GLU A 448 3.72 -13.97 23.89
C GLU A 448 3.07 -14.36 22.57
N ASN A 449 3.90 -14.72 21.60
CA ASN A 449 3.46 -15.04 20.23
C ASN A 449 2.81 -13.88 19.48
N GLU A 450 3.25 -12.67 19.81
CA GLU A 450 2.86 -11.49 19.06
C GLU A 450 4.13 -10.86 18.51
N LEU A 451 4.06 -10.42 17.26
CA LEU A 451 5.18 -9.76 16.61
C LEU A 451 5.13 -8.26 16.90
N TYR A 452 6.21 -7.73 17.43
CA TYR A 452 6.40 -6.28 17.56
C TYR A 452 7.49 -5.86 16.60
N VAL A 453 7.11 -5.06 15.60
CA VAL A 453 8.08 -4.60 14.61
C VAL A 453 8.77 -3.38 15.18
N THR A 454 10.10 -3.35 15.16
CA THR A 454 10.80 -2.27 15.82
C THR A 454 11.49 -1.30 14.86
N GLY A 455 11.79 -1.76 13.66
CA GLY A 455 12.48 -0.94 12.68
C GLY A 455 12.98 -1.71 11.47
N ARG A 456 14.01 -1.19 10.82
N ARG A 456 14.08 -1.26 10.90
CA ARG A 456 14.56 -1.77 9.60
CA ARG A 456 14.55 -1.79 9.63
C ARG A 456 16.05 -1.99 9.79
C ARG A 456 16.08 -1.86 9.62
N ILE A 457 16.62 -2.95 9.07
CA ILE A 457 18.05 -3.15 9.13
C ILE A 457 18.72 -1.94 8.45
N LYS A 458 18.21 -1.57 7.28
CA LYS A 458 18.76 -0.43 6.56
C LYS A 458 18.29 0.87 7.19
N ASP A 459 19.25 1.68 7.68
CA ASP A 459 18.95 3.06 8.10
C ASP A 459 17.98 3.75 7.11
N LEU A 460 16.74 3.98 7.57
CA LEU A 460 15.65 4.54 6.75
C LEU A 460 15.92 5.94 6.18
N ILE A 461 16.73 6.71 6.87
CA ILE A 461 17.17 7.98 6.34
C ILE A 461 18.06 7.67 5.13
N ILE A 462 18.89 6.66 5.29
CA ILE A 462 19.83 6.32 4.23
C ILE A 462 19.11 5.68 3.04
N ILE A 463 17.94 5.10 3.30
CA ILE A 463 17.12 4.55 2.22
C ILE A 463 16.23 5.57 1.48
N TYR A 464 15.73 6.56 2.20
CA TYR A 464 15.11 7.70 1.50
C TYR A 464 16.15 8.39 0.59
N GLY A 465 17.39 8.51 1.08
CA GLY A 465 18.44 9.16 0.32
C GLY A 465 18.83 8.41 -0.94
N LYS A 466 18.75 7.09 -0.86
CA LYS A 466 19.08 6.20 -1.97
C LYS A 466 18.04 6.23 -3.08
N ASN A 467 16.77 6.39 -2.70
CA ASN A 467 15.72 6.50 -3.69
C ASN A 467 15.47 7.95 -4.14
N HIS A 468 16.31 8.88 -3.66
CA HIS A 468 16.28 10.28 -4.10
C HIS A 468 14.98 11.00 -3.70
N TYR A 469 14.31 10.51 -2.65
CA TYR A 469 13.03 11.07 -2.27
C TYR A 469 13.04 12.55 -1.89
N PRO A 470 13.99 12.96 -1.05
CA PRO A 470 13.90 14.37 -0.65
C PRO A 470 14.09 15.27 -1.88
N GLN A 471 15.07 14.93 -2.71
CA GLN A 471 15.37 15.70 -3.91
C GLN A 471 14.17 15.73 -4.84
N ASP A 472 13.54 14.58 -5.04
CA ASP A 472 12.42 14.52 -5.98
C ASP A 472 11.17 15.26 -5.46
N ILE A 473 11.02 15.30 -4.14
CA ILE A 473 9.88 15.99 -3.52
C ILE A 473 10.04 17.50 -3.68
N GLU A 474 11.27 17.98 -3.51
CA GLU A 474 11.57 19.39 -3.73
C GLU A 474 11.23 19.76 -5.17
N PHE A 475 11.58 18.88 -6.10
CA PHE A 475 11.31 19.11 -7.51
C PHE A 475 9.80 19.17 -7.79
N SER A 476 9.05 18.24 -7.20
CA SER A 476 7.60 18.25 -7.34
C SER A 476 7.02 19.60 -6.91
N LEU A 477 7.40 20.05 -5.73
CA LEU A 477 6.87 21.31 -5.19
C LEU A 477 7.19 22.47 -6.13
N MSE A 478 8.44 22.50 -6.61
CA MSE A 478 8.88 23.58 -7.49
C MSE A 478 8.22 23.52 -8.87
O MSE A 478 8.12 24.55 -9.55
CB MSE A 478 10.41 23.58 -7.62
CG MSE A 478 11.17 23.87 -6.31
SE MSE A 478 10.76 25.64 -5.51
CE MSE A 478 9.13 25.21 -4.49
N HIS A 479 7.76 22.35 -9.27
CA HIS A 479 7.12 22.22 -10.59
C HIS A 479 5.61 22.12 -10.53
N SER A 480 5.06 22.34 -9.35
CA SER A 480 3.61 22.39 -9.21
C SER A 480 3.20 23.84 -9.19
N PRO A 481 1.90 24.11 -9.38
CA PRO A 481 1.43 25.50 -9.31
C PRO A 481 1.61 26.09 -7.92
N LEU A 482 1.95 25.27 -6.95
CA LEU A 482 2.20 25.77 -5.59
C LEU A 482 3.39 26.73 -5.59
N HIS A 483 4.28 26.56 -6.56
CA HIS A 483 5.45 27.41 -6.68
C HIS A 483 5.11 28.91 -6.68
N HIS A 484 4.00 29.28 -7.30
CA HIS A 484 3.62 30.69 -7.39
C HIS A 484 3.46 31.42 -6.05
N VAL A 485 3.36 30.67 -4.95
CA VAL A 485 3.15 31.29 -3.65
C VAL A 485 4.30 31.02 -2.68
N LEU A 486 5.31 30.31 -3.15
CA LEU A 486 6.44 29.90 -2.33
C LEU A 486 7.74 30.50 -2.83
N GLY A 487 8.80 30.35 -2.03
CA GLY A 487 10.15 30.58 -2.49
C GLY A 487 10.84 29.24 -2.68
N LYS A 488 11.92 29.02 -1.95
CA LYS A 488 12.64 27.75 -2.01
C LYS A 488 12.04 26.76 -1.03
N CYS A 489 12.27 25.48 -1.29
CA CYS A 489 11.77 24.43 -0.41
C CYS A 489 12.86 23.36 -0.17
N ALA A 490 12.68 22.58 0.89
CA ALA A 490 13.58 21.50 1.24
C ALA A 490 12.77 20.38 1.87
N ALA A 491 13.08 19.13 1.51
CA ALA A 491 12.46 17.96 2.13
C ALA A 491 13.54 17.11 2.78
N PHE A 492 13.23 16.50 3.92
CA PHE A 492 14.17 15.62 4.60
C PHE A 492 13.49 14.80 5.69
N VAL A 493 14.13 13.72 6.08
CA VAL A 493 13.61 12.84 7.11
C VAL A 493 14.35 13.10 8.39
N ILE A 494 13.61 13.35 9.46
CA ILE A 494 14.20 13.48 10.78
C ILE A 494 13.78 12.30 11.67
N GLN A 495 14.75 11.78 12.42
CA GLN A 495 14.46 10.73 13.39
C GLN A 495 14.17 11.39 14.72
N GLU A 496 13.03 11.06 15.30
CA GLU A 496 12.48 11.82 16.40
C GLU A 496 11.83 10.86 17.37
N GLU A 497 12.51 10.59 18.47
CA GLU A 497 11.91 9.80 19.54
C GLU A 497 11.26 8.53 18.98
N HIS A 498 12.07 7.67 18.41
CA HIS A 498 11.63 6.36 17.94
C HIS A 498 10.72 6.37 16.72
N GLU A 499 10.61 7.52 16.06
CA GLU A 499 9.81 7.61 14.85
C GLU A 499 10.59 8.34 13.75
N TYR A 500 10.25 8.05 12.50
CA TYR A 500 10.85 8.80 11.41
C TYR A 500 9.77 9.69 10.81
N LYS A 501 10.12 10.95 10.59
CA LYS A 501 9.15 11.89 10.03
C LYS A 501 9.68 12.56 8.77
N LEU A 502 8.92 12.42 7.69
CA LEU A 502 9.25 13.12 6.46
C LEU A 502 8.86 14.58 6.65
N THR A 503 9.87 15.45 6.61
CA THR A 503 9.68 16.89 6.81
C THR A 503 9.89 17.73 5.55
N VAL A 504 8.94 18.62 5.28
CA VAL A 504 9.01 19.51 4.14
C VAL A 504 9.00 20.95 4.64
N MSE A 505 9.96 21.75 4.22
CA MSE A 505 9.86 23.16 4.58
C MSE A 505 9.96 24.09 3.38
O MSE A 505 10.74 23.85 2.46
CB MSE A 505 10.82 23.52 5.72
CG MSE A 505 12.19 23.99 5.35
SE MSE A 505 13.02 24.93 6.86
CE MSE A 505 13.34 23.41 8.08
N CYS A 506 9.13 25.15 3.41
CA CYS A 506 8.94 26.06 2.29
C CYS A 506 9.04 27.54 2.71
N GLU A 507 9.79 28.32 1.96
CA GLU A 507 9.69 29.77 2.09
C GLU A 507 8.36 30.17 1.48
N VAL A 508 7.68 31.10 2.11
CA VAL A 508 6.41 31.57 1.58
C VAL A 508 6.46 33.05 1.22
N LYS A 509 5.85 33.40 0.09
CA LYS A 509 5.84 34.79 -0.34
C LYS A 509 5.07 35.69 0.63
N ASN A 510 3.94 35.19 1.12
CA ASN A 510 3.11 35.99 2.03
C ASN A 510 3.20 35.51 3.48
N ARG A 511 4.09 36.12 4.23
CA ARG A 511 4.35 35.73 5.61
C ARG A 511 3.18 36.02 6.53
N PHE A 512 2.19 36.74 6.02
CA PHE A 512 1.05 37.15 6.84
C PHE A 512 -0.28 36.58 6.33
N MSE A 513 -0.21 35.55 5.50
CA MSE A 513 -1.43 34.91 5.04
C MSE A 513 -2.16 34.42 6.29
O MSE A 513 -1.54 34.14 7.31
CB MSE A 513 -1.13 33.78 4.07
CG MSE A 513 -0.91 32.42 4.70
SE MSE A 513 -0.25 31.05 3.42
CE MSE A 513 1.65 31.21 3.84
N ASP A 514 -3.48 34.37 6.21
CA ASP A 514 -4.27 34.06 7.39
C ASP A 514 -4.23 32.57 7.74
N ASP A 515 -4.99 32.18 8.76
CA ASP A 515 -5.09 30.80 9.21
C ASP A 515 -5.85 29.97 8.18
N VAL A 516 -6.66 30.64 7.37
CA VAL A 516 -7.41 29.96 6.32
C VAL A 516 -6.47 29.58 5.18
N ALA A 517 -5.54 30.49 4.88
CA ALA A 517 -4.60 30.28 3.78
C ALA A 517 -3.53 29.30 4.21
N GLN A 518 -3.09 29.43 5.44
CA GLN A 518 -2.15 28.50 6.03
C GLN A 518 -2.63 27.06 5.81
N ASP A 519 -3.86 26.78 6.23
CA ASP A 519 -4.42 25.44 6.22
C ASP A 519 -4.60 24.91 4.81
N ASN A 520 -5.18 25.74 3.95
CA ASN A 520 -5.25 25.45 2.51
C ASN A 520 -3.88 25.05 1.95
N LEU A 521 -2.83 25.78 2.31
CA LEU A 521 -1.51 25.51 1.76
C LEU A 521 -0.94 24.19 2.26
N PHE A 522 -1.06 23.95 3.57
CA PHE A 522 -0.63 22.70 4.16
C PHE A 522 -1.28 21.50 3.46
N ASN A 523 -2.59 21.60 3.24
CA ASN A 523 -3.35 20.52 2.59
C ASN A 523 -2.90 20.28 1.14
N GLU A 524 -2.72 21.36 0.38
CA GLU A 524 -2.21 21.27 -0.99
C GLU A 524 -0.82 20.62 -1.11
N ILE A 525 0.07 20.96 -0.19
CA ILE A 525 1.39 20.34 -0.14
C ILE A 525 1.36 18.83 0.16
N PHE A 526 0.52 18.44 1.12
CA PHE A 526 0.36 17.02 1.49
C PHE A 526 -0.20 16.24 0.29
N GLU A 527 -1.23 16.80 -0.34
CA GLU A 527 -1.86 16.20 -1.52
C GLU A 527 -0.89 16.06 -2.72
N LEU A 528 -0.08 17.10 -2.94
CA LEU A 528 0.88 17.08 -4.06
C LEU A 528 1.90 15.97 -3.87
N VAL A 529 2.43 15.85 -2.66
CA VAL A 529 3.47 14.87 -2.42
C VAL A 529 2.90 13.44 -2.51
N TYR A 530 1.66 13.26 -2.07
CA TYR A 530 1.03 11.95 -2.22
C TYR A 530 0.71 11.67 -3.67
N GLU A 531 0.21 12.67 -4.37
CA GLU A 531 -0.12 12.49 -5.77
C GLU A 531 1.10 12.10 -6.59
N ASN A 532 2.22 12.78 -6.37
CA ASN A 532 3.42 12.50 -7.15
C ASN A 532 4.21 11.29 -6.64
N HIS A 533 4.14 11.04 -5.33
CA HIS A 533 4.97 10.02 -4.71
C HIS A 533 4.20 9.01 -3.85
N GLN A 534 2.90 9.21 -3.66
CA GLN A 534 2.14 8.34 -2.76
C GLN A 534 2.98 8.11 -1.50
N LEU A 535 3.56 9.21 -1.02
CA LEU A 535 4.22 9.26 0.28
C LEU A 535 3.47 10.30 1.11
N GLU A 536 3.57 10.20 2.44
CA GLU A 536 2.88 11.13 3.32
C GLU A 536 3.84 12.02 4.11
N VAL A 537 3.64 13.33 4.02
CA VAL A 537 4.46 14.25 4.81
C VAL A 537 3.94 14.33 6.23
N HIS A 538 4.82 14.21 7.20
CA HIS A 538 4.42 14.20 8.60
C HIS A 538 4.50 15.59 9.21
N THR A 539 5.40 16.40 8.69
CA THR A 539 5.60 17.75 9.21
C THR A 539 5.85 18.73 8.09
N ILE A 540 5.14 19.85 8.10
CA ILE A 540 5.38 20.92 7.15
C ILE A 540 5.76 22.20 7.89
N VAL A 541 6.85 22.83 7.48
CA VAL A 541 7.32 24.07 8.09
C VAL A 541 7.33 25.23 7.08
N LEU A 542 6.74 26.35 7.47
CA LEU A 542 6.70 27.54 6.63
C LEU A 542 7.62 28.59 7.20
N ILE A 543 8.36 29.26 6.33
CA ILE A 543 9.31 30.29 6.75
C ILE A 543 9.31 31.42 5.73
N PRO A 544 9.79 32.60 6.15
CA PRO A 544 9.81 33.80 5.32
C PRO A 544 10.70 33.66 4.07
N LEU A 545 10.32 34.31 2.98
CA LEU A 545 11.19 34.39 1.81
C LEU A 545 12.62 34.70 2.24
N LYS A 546 13.58 34.22 1.45
CA LYS A 546 14.97 34.59 1.64
C LYS A 546 15.61 34.02 2.91
N ALA A 547 14.82 33.36 3.74
CA ALA A 547 15.34 32.74 4.98
C ALA A 547 16.36 31.62 4.70
N MSE A 548 16.21 30.93 3.59
CA MSE A 548 17.19 29.94 3.16
C MSE A 548 18.38 30.65 2.51
O MSE A 548 18.21 31.69 1.87
CB MSE A 548 16.57 28.95 2.18
CG MSE A 548 15.31 28.24 2.71
SE MSE A 548 14.94 26.56 1.74
CE MSE A 548 16.63 25.70 2.13
N PRO A 549 19.59 30.06 2.64
CA PRO A 549 20.83 30.63 2.11
C PRO A 549 20.85 30.65 0.59
N HIS A 550 21.42 31.70 0.01
CA HIS A 550 21.59 31.76 -1.43
C HIS A 550 22.60 30.73 -1.90
N SER A 553 23.88 24.83 -3.71
CA SER A 553 23.66 23.44 -3.33
C SER A 553 22.29 23.23 -2.71
N GLY A 554 21.46 22.39 -3.34
CA GLY A 554 20.27 21.90 -2.68
C GLY A 554 20.70 21.15 -1.43
N LYS A 555 21.94 20.68 -1.44
CA LYS A 555 22.48 19.92 -0.33
C LYS A 555 22.77 20.82 0.85
N ILE A 556 23.62 21.83 0.65
CA ILE A 556 23.92 22.74 1.74
C ILE A 556 22.65 23.49 2.10
N ARG A 557 21.80 23.72 1.11
CA ARG A 557 20.48 24.28 1.33
C ARG A 557 19.65 23.37 2.26
N ARG A 558 19.73 22.06 2.03
CA ARG A 558 18.94 21.06 2.76
C ARG A 558 19.42 20.94 4.20
N ASN A 559 20.73 20.80 4.35
CA ASN A 559 21.38 20.63 5.64
C ASN A 559 21.26 21.85 6.55
N PHE A 560 21.17 23.04 5.95
CA PHE A 560 20.84 24.25 6.70
C PHE A 560 19.45 24.17 7.31
N CYS A 561 18.47 23.74 6.52
CA CYS A 561 17.10 23.64 7.00
C CYS A 561 16.98 22.62 8.13
N ARG A 562 17.67 21.50 7.96
CA ARG A 562 17.71 20.44 8.95
C ARG A 562 18.36 20.92 10.25
N LYS A 563 19.50 21.58 10.12
CA LYS A 563 20.29 21.98 11.29
C LYS A 563 19.64 23.10 12.07
N HIS A 564 18.99 24.03 11.37
CA HIS A 564 18.42 25.20 12.06
C HIS A 564 16.98 25.00 12.53
N LEU A 565 16.33 23.96 12.05
CA LEU A 565 15.06 23.54 12.62
C LEU A 565 15.35 22.93 13.98
N LEU A 566 16.47 22.21 14.04
CA LEU A 566 16.90 21.53 15.26
C LEU A 566 17.21 22.53 16.38
N ASP A 567 17.72 23.70 16.02
CA ASP A 567 18.04 24.74 17.00
C ASP A 567 17.14 25.97 16.86
N LEU A 570 14.71 29.05 14.46
CA LEU A 570 14.83 30.10 13.45
C LEU A 570 13.50 30.79 13.14
N PRO A 571 13.49 31.67 12.12
CA PRO A 571 12.21 32.32 11.80
C PRO A 571 11.24 31.28 11.28
N ILE A 572 10.10 31.12 11.96
CA ILE A 572 9.06 30.25 11.43
C ILE A 572 7.70 30.94 11.38
N VAL A 573 7.08 30.88 10.21
CA VAL A 573 5.75 31.44 9.98
C VAL A 573 4.64 30.52 10.49
N ALA A 574 4.77 29.23 10.22
CA ALA A 574 3.82 28.24 10.69
C ALA A 574 4.35 26.81 10.56
N THR A 575 3.88 25.94 11.44
CA THR A 575 4.23 24.53 11.43
C THR A 575 2.95 23.70 11.38
N TRP A 576 2.95 22.64 10.58
CA TRP A 576 1.82 21.72 10.47
C TRP A 576 2.32 20.33 10.84
N GLN A 577 1.63 19.65 11.75
CA GLN A 577 2.04 18.29 12.09
C GLN A 577 0.89 17.31 11.99
N LEU A 578 1.03 16.36 11.07
CA LEU A 578 -0.05 15.42 10.75
C LEU A 578 -0.70 14.73 11.98
N ASN A 579 0.10 14.31 12.95
CA ASN A 579 -0.40 13.46 14.03
C ASN A 579 -0.70 14.18 15.34
N LYS A 580 -0.77 15.49 15.24
CA LYS A 580 -0.96 16.36 16.39
C LYS A 580 -2.33 17.01 16.24
N ILE A 581 -3.08 17.11 17.34
CA ILE A 581 -4.40 17.73 17.27
C ILE A 581 -4.34 19.22 17.61
P 1ZZ B . 5.31 -3.24 0.95
C1 1ZZ B . -8.53 -7.39 3.75
N1 1ZZ B . 5.46 -2.50 7.28
O1 1ZZ B . 3.23 -2.51 3.26
C2 1ZZ B . -7.43 -6.50 4.32
N2 1ZZ B . 3.54 -3.38 7.94
O2 1ZZ B . 3.83 -3.89 1.42
C3 1ZZ B . -6.06 -7.10 3.99
N3 1ZZ B . 6.16 -1.62 9.58
O3 1ZZ B . 6.16 -4.21 0.48
C4 1ZZ B . -4.90 -6.14 3.82
N4 1ZZ B . 4.58 -2.15 11.29
O4 1ZZ B . 5.03 -2.16 -0.14
C5 1ZZ B . -3.85 -6.89 4.70
N5 1ZZ B . 2.63 -3.25 10.90
O5 1ZZ B . 6.04 -2.69 2.28
C6 1ZZ B . -2.74 -6.02 5.35
O6 1ZZ B . 6.34 -1.96 5.04
C7 1ZZ B . -1.39 -6.55 5.85
O7 1ZZ B . 8.74 -2.31 6.64
C8 1ZZ B . -0.03 -6.20 5.18
O8 1ZZ B . 8.63 -4.57 5.23
C9 1ZZ B . 0.27 -4.73 5.00
C10 1ZZ B . 1.76 -4.41 4.68
C11 1ZZ B . 2.11 -4.61 3.19
C12 1ZZ B . 3.34 -3.78 2.75
C13 1ZZ B . 6.31 -3.52 3.39
C14 1ZZ B . 7.00 -2.90 4.45
C15 1ZZ B . 7.64 -3.79 5.59
C16 1ZZ B . 7.82 -2.93 6.60
C17 1ZZ B . 6.56 -2.20 6.48
C18 1ZZ B . 4.30 -3.27 6.96
C19 1ZZ B . 4.23 -2.80 9.07
C20 1ZZ B . 5.32 -2.29 8.67
C21 1ZZ B . 5.79 -1.51 10.84
C22 1ZZ B . 3.82 -2.65 10.50
P1 POP C . 10.86 -1.83 -0.17
O1 POP C . 9.41 -1.44 0.08
O2 POP C . 11.30 -1.43 -1.56
O3 POP C . 11.80 -1.07 0.74
O POP C . 11.06 -3.42 -0.08
P2 POP C . 10.52 -4.58 0.91
O4 POP C . 9.12 -5.06 0.47
O5 POP C . 10.47 -4.18 2.39
O6 POP C . 11.57 -5.67 0.78
#